data_1R0O
#
_entry.id   1R0O
#
_cell.length_a   50.370
_cell.length_b   59.880
_cell.length_c   113.770
_cell.angle_alpha   90.00
_cell.angle_beta   90.00
_cell.angle_gamma   90.00
#
_symmetry.space_group_name_H-M   'P 21 21 21'
#
loop_
_entity.id
_entity.type
_entity.pdbx_description
1 polymer 'Ecdysone Response Element'
2 polymer 'Ecdysone Response Element'
3 polymer 'Ultraspiracle protein'
4 polymer 'Ecdysone receptor'
5 non-polymer 'ZINC ION'
6 water water
#
loop_
_entity_poly.entity_id
_entity_poly.type
_entity_poly.pdbx_seq_one_letter_code
_entity_poly.pdbx_strand_id
1 'polydeoxyribonucleotide' (DC)(DC)(DG)(DA)(DG)(DG)(DT)(DC)(DA)(DA)(DT)(DG)(DA)(DC)(DC)(DT)(DC)(DG) C
2 'polydeoxyribonucleotide' (DC)(DC)(DG)(DA)(DG)(DG)(DT)(DC)(DA)(DT)(DT)(DG)(DA)(DC)(DC)(DT)(DC)(DG) D
3 'polypeptide(L)'
;NHPLSGSKHLCSICGDRASGKHYGVYSCEGCKGFFKRTVRKDLTYACRENRNCIIDKRQRNRCQYCRYQKCLTCGMKREA
VQEERQ
;
A
4 'polypeptide(L)'
;APRVQEELCLVCGDRASGYHYNALTCEGCKGFFRRSVTKSAVYCCKFGRACEMDMYMRRKCQECRLKKCLAVGMRPECVV
PENQCAMKRREKKAQKEKDKMTTSPSSQH
;
B
#
# COMPACT_ATOMS: atom_id res chain seq x y z
N HIS C 9 -16.58 -5.34 -10.81
CA HIS C 9 -17.00 -5.67 -9.42
C HIS C 9 -15.99 -5.15 -8.39
N LEU C 10 -16.37 -5.21 -7.11
CA LEU C 10 -15.53 -4.72 -6.03
C LEU C 10 -15.10 -5.78 -5.04
N CYS C 11 -13.94 -5.59 -4.44
CA CYS C 11 -13.45 -6.52 -3.42
C CYS C 11 -14.38 -6.30 -2.23
N SER C 12 -14.93 -7.37 -1.69
CA SER C 12 -15.83 -7.22 -0.56
C SER C 12 -15.06 -6.96 0.73
N ILE C 13 -13.76 -7.19 0.70
CA ILE C 13 -12.92 -6.97 1.88
C ILE C 13 -12.41 -5.54 2.04
N CYS C 14 -11.86 -4.96 0.98
CA CYS C 14 -11.30 -3.60 1.08
C CYS C 14 -11.87 -2.52 0.17
N GLY C 15 -12.72 -2.90 -0.78
CA GLY C 15 -13.28 -1.90 -1.68
C GLY C 15 -12.44 -1.60 -2.92
N ASP C 16 -11.34 -2.35 -3.08
CA ASP C 16 -10.46 -2.20 -4.25
C ASP C 16 -11.17 -2.90 -5.40
N ARG C 17 -10.74 -2.63 -6.63
CA ARG C 17 -11.34 -3.25 -7.80
C ARG C 17 -11.12 -4.76 -7.80
N ALA C 18 -12.21 -5.51 -7.88
CA ALA C 18 -12.12 -6.96 -7.91
C ALA C 18 -12.07 -7.40 -9.35
N SER C 19 -11.70 -8.66 -9.56
CA SER C 19 -11.61 -9.20 -10.90
C SER C 19 -11.95 -10.68 -10.91
N GLY C 20 -12.87 -11.06 -10.03
CA GLY C 20 -13.27 -12.45 -9.91
C GLY C 20 -13.68 -12.76 -8.48
N LYS C 21 -13.93 -14.03 -8.17
CA LYS C 21 -14.36 -14.39 -6.82
C LYS C 21 -13.39 -15.07 -5.85
N HIS C 22 -12.23 -15.48 -6.32
CA HIS C 22 -11.22 -16.13 -5.46
C HIS C 22 -11.64 -16.66 -4.09
N TYR C 23 -11.43 -17.96 -3.88
CA TYR C 23 -11.74 -18.57 -2.59
C TYR C 23 -13.17 -18.35 -2.11
N GLY C 24 -14.06 -18.08 -3.04
CA GLY C 24 -15.45 -17.89 -2.68
C GLY C 24 -16.06 -16.50 -2.71
N VAL C 25 -15.26 -15.43 -2.68
CA VAL C 25 -15.87 -14.10 -2.67
C VAL C 25 -15.22 -13.06 -3.57
N TYR C 26 -16.04 -12.15 -4.10
CA TYR C 26 -15.50 -11.09 -4.94
C TYR C 26 -14.39 -10.38 -4.17
N SER C 27 -13.13 -10.61 -4.57
CA SER C 27 -11.98 -10.01 -3.92
C SER C 27 -10.93 -9.51 -4.89
N CYS C 28 -10.05 -8.63 -4.40
CA CYS C 28 -8.99 -8.05 -5.22
C CYS C 28 -7.74 -8.92 -5.19
N GLU C 29 -6.83 -8.66 -6.11
CA GLU C 29 -5.56 -9.38 -6.21
C GLU C 29 -4.83 -9.39 -4.87
N GLY C 30 -4.83 -8.25 -4.20
CA GLY C 30 -4.15 -8.15 -2.92
C GLY C 30 -4.76 -9.06 -1.87
N CYS C 31 -6.05 -8.89 -1.61
CA CYS C 31 -6.71 -9.70 -0.62
C CYS C 31 -6.61 -11.19 -0.94
N LYS C 32 -6.74 -11.54 -2.22
CA LYS C 32 -6.61 -12.93 -2.64
C LYS C 32 -5.17 -13.38 -2.34
N GLY C 33 -4.21 -12.59 -2.82
CA GLY C 33 -2.81 -12.93 -2.59
C GLY C 33 -2.51 -13.10 -1.11
N PHE C 34 -3.05 -12.19 -0.30
CA PHE C 34 -2.86 -12.20 1.15
C PHE C 34 -3.48 -13.45 1.80
N PHE C 35 -4.73 -13.73 1.44
CA PHE C 35 -5.41 -14.89 2.01
C PHE C 35 -4.66 -16.17 1.70
N LYS C 36 -4.27 -16.33 0.43
CA LYS C 36 -3.56 -17.51 -0.01
C LYS C 36 -2.31 -17.74 0.81
N ARG C 37 -1.44 -16.74 0.88
CA ARG C 37 -0.21 -16.84 1.63
C ARG C 37 -0.49 -17.14 3.10
N THR C 38 -1.48 -16.47 3.68
CA THR C 38 -1.79 -16.68 5.08
C THR C 38 -2.04 -18.17 5.37
N VAL C 39 -2.81 -18.81 4.51
CA VAL C 39 -3.13 -20.23 4.68
C VAL C 39 -1.95 -21.13 4.31
N ARG C 40 -1.42 -20.94 3.11
CA ARG C 40 -0.28 -21.73 2.62
C ARG C 40 0.83 -21.95 3.62
N LYS C 41 1.28 -20.89 4.28
CA LYS C 41 2.34 -20.99 5.27
C LYS C 41 1.71 -20.96 6.66
N ASP C 42 0.39 -21.06 6.71
CA ASP C 42 -0.37 -21.04 7.96
C ASP C 42 0.28 -20.05 8.94
N LEU C 43 -0.05 -18.78 8.76
CA LEU C 43 0.50 -17.73 9.60
C LEU C 43 -0.54 -17.24 10.60
N THR C 44 -0.07 -16.83 11.77
CA THR C 44 -0.94 -16.30 12.82
C THR C 44 -0.51 -14.87 13.07
N TYR C 45 -1.48 -13.95 13.02
CA TYR C 45 -1.18 -12.53 13.24
C TYR C 45 -1.72 -12.03 14.57
N ALA C 46 -1.32 -10.82 14.93
CA ALA C 46 -1.77 -10.18 16.17
C ALA C 46 -2.04 -8.70 15.93
N CYS C 47 -3.21 -8.25 16.36
CA CYS C 47 -3.58 -6.85 16.21
C CYS C 47 -2.93 -6.02 17.31
N ARG C 48 -2.26 -4.94 16.94
CA ARG C 48 -1.59 -4.09 17.92
C ARG C 48 -2.57 -3.16 18.62
N GLU C 49 -3.81 -3.12 18.16
CA GLU C 49 -4.86 -2.29 18.76
C GLU C 49 -5.88 -3.27 19.35
N ASN C 50 -7.09 -3.22 18.83
CA ASN C 50 -8.15 -4.13 19.25
C ASN C 50 -8.32 -5.13 18.14
N ARG C 51 -9.46 -5.10 17.47
CA ARG C 51 -9.68 -6.03 16.38
C ARG C 51 -10.76 -5.46 15.54
N ASN C 52 -10.71 -4.14 15.41
CA ASN C 52 -11.67 -3.39 14.64
C ASN C 52 -10.97 -2.38 13.75
N CYS C 53 -9.75 -2.69 13.34
CA CYS C 53 -8.98 -1.79 12.45
C CYS C 53 -9.70 -1.58 11.11
N ILE C 54 -9.57 -0.38 10.55
CA ILE C 54 -10.20 -0.01 9.29
C ILE C 54 -10.19 -1.00 8.11
N ILE C 55 -9.02 -1.36 7.59
CA ILE C 55 -8.99 -2.28 6.45
C ILE C 55 -9.84 -1.87 5.22
N ASP C 56 -9.23 -1.09 4.33
CA ASP C 56 -9.88 -0.68 3.10
C ASP C 56 -8.79 -0.65 2.03
N LYS C 57 -9.10 -0.17 0.83
CA LYS C 57 -8.11 -0.17 -0.24
C LYS C 57 -6.86 0.66 0.10
N ARG C 58 -6.98 1.54 1.09
CA ARG C 58 -5.85 2.40 1.47
C ARG C 58 -5.06 1.90 2.67
N GLN C 59 -5.76 1.45 3.71
CA GLN C 59 -5.11 1.01 4.94
C GLN C 59 -5.01 -0.48 5.16
N ARG C 60 -5.49 -1.28 4.23
CA ARG C 60 -5.49 -2.73 4.41
C ARG C 60 -4.22 -3.35 4.96
N ASN C 61 -3.07 -2.76 4.67
CA ASN C 61 -1.80 -3.29 5.15
C ASN C 61 -1.42 -2.77 6.54
N ARG C 62 -2.31 -2.07 7.23
CA ARG C 62 -1.90 -1.58 8.55
C ARG C 62 -2.05 -2.63 9.66
N CYS C 63 -2.88 -3.65 9.40
CA CYS C 63 -3.08 -4.73 10.38
C CYS C 63 -3.37 -6.05 9.67
N GLN C 64 -2.40 -6.96 9.70
CA GLN C 64 -2.57 -8.26 9.05
C GLN C 64 -3.67 -9.07 9.72
N TYR C 65 -3.77 -8.93 11.04
CA TYR C 65 -4.77 -9.65 11.81
C TYR C 65 -6.18 -9.27 11.35
N CYS C 66 -6.46 -7.97 11.35
CA CYS C 66 -7.77 -7.50 10.96
C CYS C 66 -8.08 -7.76 9.50
N ARG C 67 -7.07 -7.76 8.65
CA ARG C 67 -7.30 -8.02 7.22
C ARG C 67 -7.77 -9.47 7.06
N TYR C 68 -7.02 -10.40 7.64
CA TYR C 68 -7.35 -11.82 7.56
C TYR C 68 -8.76 -12.08 8.09
N GLN C 69 -9.01 -11.60 9.31
CA GLN C 69 -10.31 -11.78 9.93
C GLN C 69 -11.42 -11.31 9.00
N LYS C 70 -11.21 -10.15 8.37
CA LYS C 70 -12.21 -9.62 7.47
C LYS C 70 -12.34 -10.49 6.25
N CYS C 71 -11.27 -11.22 5.91
CA CYS C 71 -11.31 -12.13 4.79
C CYS C 71 -12.28 -13.23 5.19
N LEU C 72 -12.11 -13.73 6.41
CA LEU C 72 -12.98 -14.77 6.94
C LEU C 72 -14.45 -14.35 7.03
N THR C 73 -14.70 -13.17 7.59
CA THR C 73 -16.07 -12.71 7.75
C THR C 73 -16.76 -12.40 6.42
N CYS C 74 -15.97 -12.11 5.39
CA CYS C 74 -16.55 -11.81 4.10
C CYS C 74 -16.89 -13.05 3.27
N GLY C 75 -16.56 -14.21 3.81
CA GLY C 75 -16.87 -15.43 3.09
C GLY C 75 -15.68 -16.22 2.58
N MET C 76 -14.53 -15.57 2.43
CA MET C 76 -13.37 -16.31 1.95
C MET C 76 -13.25 -17.53 2.84
N LYS C 77 -13.30 -18.70 2.25
CA LYS C 77 -13.19 -19.92 3.01
C LYS C 77 -11.90 -20.61 2.63
N ARG C 78 -11.27 -21.23 3.61
CA ARG C 78 -10.06 -21.98 3.34
C ARG C 78 -10.57 -23.13 2.47
N GLU C 79 -9.92 -24.30 2.53
CA GLU C 79 -10.36 -25.43 1.71
C GLU C 79 -10.24 -25.11 0.22
N ALA C 80 -10.50 -23.86 -0.15
CA ALA C 80 -10.41 -23.44 -1.55
C ALA C 80 -8.95 -23.22 -1.89
N VAL C 81 -8.11 -23.27 -0.87
CA VAL C 81 -6.68 -23.08 -1.05
C VAL C 81 -5.93 -24.40 -0.99
N GLN C 82 -5.40 -24.80 -2.14
CA GLN C 82 -4.61 -26.03 -2.25
C GLN C 82 -3.25 -25.64 -1.70
N GLU C 83 -2.23 -26.47 -1.88
CA GLU C 83 -0.93 -26.12 -1.34
C GLU C 83 0.27 -26.82 -1.96
N GLU C 84 1.27 -26.02 -2.33
CA GLU C 84 2.52 -26.50 -2.93
C GLU C 84 2.26 -27.56 -3.99
N GLU D 6 -1.41 12.84 13.85
CA GLU D 6 -0.21 11.95 13.88
C GLU D 6 1.05 12.72 13.44
N GLU D 7 0.97 13.38 12.30
CA GLU D 7 2.06 14.20 11.75
C GLU D 7 1.88 14.44 10.28
N LEU D 8 1.66 13.36 9.55
CA LEU D 8 1.38 13.42 8.12
C LEU D 8 2.50 13.63 7.12
N CYS D 9 2.62 12.67 6.22
CA CYS D 9 3.58 12.72 5.15
C CYS D 9 2.98 13.75 4.18
N LEU D 10 3.78 14.72 3.74
CA LEU D 10 3.29 15.75 2.84
C LEU D 10 2.89 15.20 1.48
N VAL D 11 3.37 13.99 1.18
CA VAL D 11 3.05 13.37 -0.09
C VAL D 11 1.75 12.56 -0.10
N CYS D 12 1.67 11.54 0.76
CA CYS D 12 0.51 10.65 0.76
C CYS D 12 -0.46 10.67 1.93
N GLY D 13 -0.15 11.42 2.99
CA GLY D 13 -1.03 11.45 4.16
C GLY D 13 -0.88 10.30 5.14
N ASP D 14 0.04 9.37 4.85
CA ASP D 14 0.31 8.25 5.76
C ASP D 14 0.99 8.94 6.95
N ARG D 15 1.37 8.19 7.98
CA ARG D 15 2.04 8.81 9.11
C ARG D 15 3.51 9.09 8.78
N ALA D 16 3.95 10.33 8.93
CA ALA D 16 5.35 10.66 8.66
C ALA D 16 6.26 10.09 9.76
N SER D 17 7.46 9.67 9.38
CA SER D 17 8.39 9.10 10.35
C SER D 17 9.50 10.10 10.65
N GLY D 18 9.57 11.14 9.85
CA GLY D 18 10.59 12.16 10.05
C GLY D 18 10.78 12.96 8.78
N TYR D 19 11.76 13.85 8.78
CA TYR D 19 12.06 14.64 7.61
C TYR D 19 13.03 13.81 6.80
N HIS D 20 12.72 13.61 5.53
CA HIS D 20 13.58 12.82 4.67
C HIS D 20 13.91 13.63 3.44
N TYR D 21 15.21 13.90 3.28
CA TYR D 21 15.67 14.69 2.15
C TYR D 21 14.98 16.06 2.19
N ASN D 22 14.84 16.59 3.41
CA ASN D 22 14.23 17.90 3.64
C ASN D 22 12.70 18.05 3.60
N ALA D 23 11.96 16.97 3.77
CA ALA D 23 10.49 17.05 3.77
C ALA D 23 9.88 15.99 4.70
N LEU D 24 8.84 16.39 5.42
CA LEU D 24 8.15 15.51 6.35
C LEU D 24 7.40 14.46 5.53
N THR D 25 7.88 13.22 5.57
CA THR D 25 7.30 12.14 4.78
C THR D 25 7.29 10.78 5.51
N CYS D 26 6.60 9.79 4.93
CA CYS D 26 6.51 8.46 5.54
C CYS D 26 7.62 7.55 5.04
N GLU D 27 7.74 6.35 5.60
CA GLU D 27 8.79 5.43 5.14
C GLU D 27 8.59 5.06 3.68
N GLY D 28 7.35 4.84 3.28
CA GLY D 28 7.09 4.50 1.90
C GLY D 28 7.62 5.55 0.95
N CYS D 29 7.28 6.81 1.15
CA CYS D 29 7.74 7.87 0.25
C CYS D 29 9.25 8.11 0.33
N LYS D 30 9.81 7.92 1.52
CA LYS D 30 11.24 8.08 1.72
C LYS D 30 11.94 7.10 0.78
N GLY D 31 11.56 5.83 0.89
CA GLY D 31 12.14 4.81 0.04
C GLY D 31 11.80 4.97 -1.43
N PHE D 32 10.57 5.37 -1.73
CA PHE D 32 10.21 5.53 -3.14
C PHE D 32 11.07 6.62 -3.72
N PHE D 33 11.27 7.69 -2.96
CA PHE D 33 12.05 8.80 -3.46
C PHE D 33 13.50 8.41 -3.69
N ARG D 34 14.08 7.77 -2.68
CA ARG D 34 15.47 7.33 -2.72
C ARG D 34 15.72 6.40 -3.91
N ARG D 35 14.85 5.42 -4.11
CA ARG D 35 15.06 4.50 -5.24
C ARG D 35 14.95 5.25 -6.57
N SER D 36 13.85 5.97 -6.75
CA SER D 36 13.62 6.73 -7.97
C SER D 36 14.80 7.61 -8.36
N VAL D 37 15.36 8.32 -7.38
CA VAL D 37 16.47 9.24 -7.64
C VAL D 37 17.80 8.53 -7.93
N THR D 38 18.17 7.56 -7.11
CA THR D 38 19.43 6.85 -7.29
C THR D 38 19.47 6.18 -8.66
N LYS D 39 18.32 5.78 -9.17
CA LYS D 39 18.28 5.14 -10.47
C LYS D 39 17.88 6.13 -11.56
N SER D 40 17.63 7.38 -11.20
CA SER D 40 17.24 8.37 -12.19
C SER D 40 16.05 7.87 -13.04
N ALA D 41 15.14 7.13 -12.40
CA ALA D 41 13.97 6.59 -13.07
C ALA D 41 13.08 7.67 -13.69
N VAL D 42 12.46 7.35 -14.82
CA VAL D 42 11.54 8.28 -15.46
C VAL D 42 10.23 7.54 -15.60
N TYR D 43 9.19 8.05 -14.97
CA TYR D 43 7.89 7.39 -15.02
C TYR D 43 6.93 8.05 -16.00
N CYS D 44 5.90 7.28 -16.37
CA CYS D 44 4.89 7.76 -17.29
C CYS D 44 3.51 7.41 -16.73
N CYS D 45 2.77 8.42 -16.30
CA CYS D 45 1.43 8.22 -15.76
C CYS D 45 0.51 7.61 -16.80
N LYS D 46 -0.03 6.43 -16.51
CA LYS D 46 -0.93 5.79 -17.45
C LYS D 46 -2.38 6.21 -17.22
N PHE D 47 -2.55 7.33 -16.51
CA PHE D 47 -3.88 7.86 -16.24
C PHE D 47 -3.93 9.28 -16.81
N GLY D 48 -4.52 10.20 -16.07
CA GLY D 48 -4.62 11.56 -16.56
C GLY D 48 -3.50 12.53 -16.22
N ARG D 49 -2.37 12.02 -15.72
CA ARG D 49 -1.23 12.87 -15.37
C ARG D 49 -1.59 13.91 -14.31
N ALA D 50 -2.62 13.62 -13.52
CA ALA D 50 -3.05 14.54 -12.46
C ALA D 50 -3.52 13.78 -11.24
N CYS D 51 -2.92 12.61 -11.00
CA CYS D 51 -3.29 11.78 -9.87
C CYS D 51 -3.08 12.44 -8.51
N GLU D 52 -4.10 12.33 -7.65
CA GLU D 52 -4.05 12.88 -6.31
C GLU D 52 -3.51 11.74 -5.43
N MET D 53 -2.56 12.03 -4.55
CA MET D 53 -1.96 11.01 -3.70
C MET D 53 -2.63 10.68 -2.37
N ASP D 54 -2.63 9.40 -2.03
CA ASP D 54 -3.16 8.86 -0.77
C ASP D 54 -2.50 7.49 -0.62
N MET D 55 -2.78 6.76 0.45
CA MET D 55 -2.10 5.47 0.61
C MET D 55 -2.37 4.42 -0.45
N TYR D 56 -3.44 4.63 -1.20
CA TYR D 56 -3.81 3.73 -2.27
C TYR D 56 -3.16 4.19 -3.58
N MET D 57 -3.38 5.45 -3.92
CA MET D 57 -2.84 5.99 -5.17
C MET D 57 -1.31 6.04 -5.29
N ARG D 58 -0.62 6.10 -4.15
CA ARG D 58 0.84 6.17 -4.16
C ARG D 58 1.48 4.97 -4.79
N ARG D 59 0.83 3.81 -4.70
CA ARG D 59 1.34 2.58 -5.29
C ARG D 59 0.88 2.47 -6.73
N LYS D 60 -0.21 3.15 -7.05
CA LYS D 60 -0.76 3.10 -8.41
C LYS D 60 -0.11 4.01 -9.46
N CYS D 61 0.54 5.09 -9.06
CA CYS D 61 1.17 5.98 -10.04
C CYS D 61 2.51 6.58 -9.59
N GLN D 62 3.58 5.92 -10.02
CA GLN D 62 4.91 6.36 -9.68
C GLN D 62 5.22 7.76 -10.22
N GLU D 63 4.77 8.09 -11.42
CA GLU D 63 5.08 9.42 -11.93
C GLU D 63 4.44 10.51 -11.12
N CYS D 64 3.15 10.37 -10.82
CA CYS D 64 2.49 11.40 -10.04
C CYS D 64 3.01 11.42 -8.59
N ARG D 65 3.44 10.27 -8.09
CA ARG D 65 3.97 10.19 -6.72
C ARG D 65 5.34 10.89 -6.68
N LEU D 66 6.19 10.65 -7.68
CA LEU D 66 7.50 11.30 -7.68
C LEU D 66 7.34 12.82 -7.80
N LYS D 67 6.40 13.27 -8.63
CA LYS D 67 6.18 14.71 -8.79
C LYS D 67 5.75 15.34 -7.47
N LYS D 68 4.84 14.67 -6.77
CA LYS D 68 4.36 15.18 -5.50
C LYS D 68 5.56 15.23 -4.56
N CYS D 69 6.37 14.17 -4.52
CA CYS D 69 7.55 14.14 -3.66
C CYS D 69 8.38 15.41 -3.85
N LEU D 70 8.61 15.76 -5.10
CA LEU D 70 9.38 16.94 -5.47
C LEU D 70 8.69 18.24 -5.08
N ALA D 71 7.40 18.32 -5.40
CA ALA D 71 6.60 19.50 -5.11
C ALA D 71 6.60 19.85 -3.63
N VAL D 72 6.71 18.82 -2.82
CA VAL D 72 6.70 18.93 -1.38
C VAL D 72 8.07 19.28 -0.79
N GLY D 73 9.08 19.34 -1.64
CA GLY D 73 10.40 19.68 -1.12
C GLY D 73 11.43 18.59 -0.90
N MET D 74 11.18 17.36 -1.34
CA MET D 74 12.20 16.33 -1.17
C MET D 74 13.27 16.72 -2.18
N ARG D 75 14.53 16.75 -1.76
CA ARG D 75 15.62 17.17 -2.62
C ARG D 75 16.46 16.07 -3.26
N PRO D 76 16.34 15.88 -4.59
CA PRO D 76 17.10 14.84 -5.29
C PRO D 76 18.61 14.94 -5.07
N GLU D 77 19.11 16.17 -5.12
CA GLU D 77 20.54 16.43 -4.93
C GLU D 77 21.07 15.96 -3.56
N CYS D 78 20.18 15.73 -2.60
CA CYS D 78 20.59 15.27 -1.28
C CYS D 78 20.56 13.76 -1.17
N VAL D 79 20.17 13.10 -2.27
CA VAL D 79 20.13 11.64 -2.32
C VAL D 79 21.54 11.16 -2.69
N VAL D 80 22.21 10.53 -1.74
CA VAL D 80 23.58 10.05 -1.93
C VAL D 80 24.45 11.00 -2.76
N PRO D 81 24.76 12.18 -2.18
CA PRO D 81 25.59 13.18 -2.85
C PRO D 81 27.05 12.71 -2.74
N GLU D 82 27.97 13.39 -3.42
CA GLU D 82 29.37 12.99 -3.37
C GLU D 82 30.06 13.45 -2.08
N ASN D 83 29.93 12.60 -1.06
CA ASN D 83 30.45 12.82 0.30
C ASN D 83 29.37 13.55 1.10
#